data_3E5N
#
_entry.id   3E5N
#
_cell.length_a   83.043
_cell.length_b   83.043
_cell.length_c   97.601
_cell.angle_alpha   90.00
_cell.angle_beta   90.00
_cell.angle_gamma   90.00
#
_symmetry.space_group_name_H-M   'P 43 21 2'
#
loop_
_entity.id
_entity.type
_entity.pdbx_description
1 polymer 'D-alanine-D-alanine ligase A'
2 water water
#
_entity_poly.entity_id   1
_entity_poly.type   'polypeptide(L)'
_entity_poly.pdbx_seq_one_letter_code
;MGHHHHHHHSSENLYFQGHMRKIRVGLIFGGKSAEHEVSLQSARNILDALDPQRFEPVLIGIDKQGQWHVNDPDSFLLHA
DDPARIALHRSGRGVALLPGAQQQQLRPIQPEQALAQIDVVFPIVHGTLGEDGSLQGLLRMANLPFVGSGVLGSAVAMDK
DMAKRVLRDARLAVAPFVCFDRHTAAHADVDTLIAQLGLPLFVKPANQGSSVGVSQVRTADAFAAALALALAYDHKVLVE
AAVAGREIECAVLGNAVPHASVCGEVVVHDAFYSYATKYISEHGAEIVIPADIDAQTQQRIQQIAVQAYQALGCAGMARV
DVFLCADGRIVINEVNTLPGFTRISVYPKLWQASGLDYRGLITRLIELALERHTDDQLLRSAVELH
;
_entity_poly.pdbx_strand_id   A
#
# COMPACT_ATOMS: atom_id res chain seq x y z
N ARG A 21 11.65 -15.52 23.64
CA ARG A 21 12.68 -15.25 22.57
C ARG A 21 12.22 -15.39 21.12
N LYS A 22 11.48 -16.43 20.77
CA LYS A 22 10.82 -16.35 19.47
C LYS A 22 9.92 -15.13 19.66
N ILE A 23 9.66 -14.37 18.61
CA ILE A 23 8.63 -13.38 18.82
C ILE A 23 7.40 -13.66 17.98
N ARG A 24 6.21 -13.31 18.49
CA ARG A 24 5.03 -13.83 17.84
C ARG A 24 4.59 -12.73 16.85
N VAL A 25 4.36 -13.11 15.62
CA VAL A 25 4.01 -12.16 14.49
C VAL A 25 2.55 -12.41 14.13
N GLY A 26 1.69 -11.42 14.39
CA GLY A 26 0.28 -11.53 14.03
C GLY A 26 0.15 -11.01 12.60
N LEU A 27 -0.12 -11.94 11.66
CA LEU A 27 -0.39 -11.65 10.27
C LEU A 27 -1.86 -11.41 10.13
N ILE A 28 -2.20 -10.21 9.69
CA ILE A 28 -3.60 -9.83 9.49
C ILE A 28 -3.75 -9.51 8.05
N PHE A 29 -4.69 -10.20 7.40
CA PHE A 29 -4.68 -10.23 5.94
C PHE A 29 -6.09 -10.42 5.46
N GLY A 30 -6.30 -10.28 4.16
CA GLY A 30 -7.64 -10.40 3.62
C GLY A 30 -8.22 -9.02 3.38
N GLY A 31 -9.41 -8.75 3.89
CA GLY A 31 -10.00 -7.42 3.71
C GLY A 31 -11.09 -7.37 2.64
N LYS A 32 -11.95 -6.35 2.72
CA LYS A 32 -13.00 -6.04 1.74
C LYS A 32 -12.41 -5.24 0.59
N SER A 33 -11.87 -5.95 -0.38
CA SER A 33 -11.36 -5.24 -1.53
C SER A 33 -11.19 -6.20 -2.61
N ALA A 34 -10.99 -5.63 -3.80
CA ALA A 34 -10.73 -6.41 -5.00
C ALA A 34 -9.40 -7.14 -4.91
N GLU A 35 -8.49 -6.60 -4.05
CA GLU A 35 -7.17 -7.19 -3.83
C GLU A 35 -7.18 -8.24 -2.73
N HIS A 36 -8.36 -8.68 -2.29
CA HIS A 36 -8.46 -9.68 -1.22
C HIS A 36 -7.58 -10.95 -1.47
N GLU A 37 -7.67 -11.51 -2.67
CA GLU A 37 -6.98 -12.75 -2.99
C GLU A 37 -5.46 -12.55 -3.10
N VAL A 38 -5.05 -11.36 -3.52
CA VAL A 38 -3.62 -10.97 -3.50
C VAL A 38 -3.04 -10.96 -2.04
N SER A 39 -3.81 -10.40 -1.11
CA SER A 39 -3.53 -10.50 0.34
C SER A 39 -3.42 -11.94 0.86
N LEU A 40 -4.37 -12.78 0.49
CA LEU A 40 -4.30 -14.22 0.83
C LEU A 40 -3.02 -14.88 0.34
N GLN A 41 -2.65 -14.58 -0.90
CA GLN A 41 -1.41 -15.12 -1.44
C GLN A 41 -0.15 -14.51 -0.75
N SER A 42 -0.20 -13.24 -0.35
CA SER A 42 0.92 -12.58 0.37
C SER A 42 1.15 -13.24 1.72
N ALA A 43 0.03 -13.58 2.37
CA ALA A 43 0.04 -14.21 3.72
C ALA A 43 0.74 -15.56 3.69
N ARG A 44 0.33 -16.39 2.74
CA ARG A 44 0.92 -17.70 2.52
C ARG A 44 2.42 -17.53 2.24
N ASN A 45 2.76 -16.58 1.39
CA ASN A 45 4.16 -16.46 1.03
C ASN A 45 4.94 -16.01 2.20
N ILE A 46 4.37 -15.09 3.00
CA ILE A 46 5.06 -14.55 4.17
C ILE A 46 5.22 -15.67 5.22
N LEU A 47 4.15 -16.39 5.48
CA LEU A 47 4.19 -17.50 6.41
C LEU A 47 5.29 -18.47 6.05
N ASP A 48 5.40 -18.80 4.77
CA ASP A 48 6.41 -19.76 4.34
C ASP A 48 7.85 -19.25 4.53
N ALA A 49 8.05 -17.93 4.64
CA ALA A 49 9.38 -17.38 4.66
C ALA A 49 9.76 -16.94 6.03
N LEU A 50 8.78 -16.80 6.94
CA LEU A 50 9.04 -16.25 8.25
C LEU A 50 10.19 -17.00 8.91
N ASP A 51 11.27 -16.35 9.33
CA ASP A 51 12.39 -17.05 9.97
C ASP A 51 11.92 -17.87 11.21
N PRO A 52 11.88 -19.24 11.12
CA PRO A 52 11.31 -19.98 12.24
C PRO A 52 12.20 -20.01 13.50
N GLN A 53 13.44 -19.54 13.40
CA GLN A 53 14.20 -19.37 14.61
C GLN A 53 13.90 -18.07 15.38
N ARG A 54 13.39 -17.05 14.68
CA ARG A 54 13.06 -15.78 15.32
C ARG A 54 11.53 -15.58 15.58
N PHE A 55 10.65 -16.16 14.77
CA PHE A 55 9.22 -15.78 14.74
C PHE A 55 8.28 -16.96 14.69
N GLU A 56 7.16 -16.86 15.41
CA GLU A 56 6.02 -17.77 15.26
C GLU A 56 4.87 -16.96 14.77
N PRO A 57 4.11 -17.49 13.81
CA PRO A 57 2.94 -16.75 13.25
C PRO A 57 1.60 -16.97 14.00
N VAL A 58 0.81 -15.91 14.11
CA VAL A 58 -0.57 -16.05 14.54
C VAL A 58 -1.38 -15.44 13.37
N LEU A 59 -2.47 -16.09 12.94
CA LEU A 59 -3.12 -15.75 11.67
C LEU A 59 -4.49 -15.20 11.91
N ILE A 60 -4.71 -13.98 11.46
CA ILE A 60 -6.07 -13.42 11.63
C ILE A 60 -6.50 -12.97 10.27
N GLY A 61 -7.47 -13.67 9.69
CA GLY A 61 -7.94 -13.18 8.41
C GLY A 61 -9.21 -12.38 8.49
N ILE A 62 -9.30 -11.37 7.63
CA ILE A 62 -10.52 -10.55 7.51
C ILE A 62 -11.27 -10.89 6.19
N ASP A 63 -12.52 -11.38 6.34
CA ASP A 63 -13.59 -11.60 5.30
C ASP A 63 -13.86 -10.53 4.35
N LYS A 64 -14.57 -10.90 3.27
CA LYS A 64 -15.04 -9.87 2.30
C LYS A 64 -16.20 -9.06 2.88
N GLN A 65 -16.69 -9.47 4.05
CA GLN A 65 -17.72 -8.75 4.78
C GLN A 65 -17.13 -7.96 6.00
N GLY A 66 -15.82 -8.09 6.21
CA GLY A 66 -15.05 -7.36 7.20
C GLY A 66 -14.95 -8.07 8.54
N GLN A 67 -15.38 -9.32 8.59
CA GLN A 67 -15.33 -10.08 9.81
C GLN A 67 -14.00 -10.80 10.01
N TRP A 68 -13.51 -10.81 11.26
CA TRP A 68 -12.21 -11.33 11.61
C TRP A 68 -12.27 -12.79 12.05
N HIS A 69 -11.29 -13.58 11.64
CA HIS A 69 -11.28 -15.02 11.88
C HIS A 69 -9.90 -15.45 12.24
N VAL A 70 -9.74 -15.98 13.44
CA VAL A 70 -8.45 -16.60 13.79
C VAL A 70 -8.39 -17.95 13.09
N ASN A 71 -7.22 -18.32 12.57
CA ASN A 71 -7.05 -19.58 11.90
C ASN A 71 -5.70 -20.23 12.28
N ASP A 72 -5.60 -21.58 12.13
CA ASP A 72 -4.34 -22.33 12.26
C ASP A 72 -3.62 -22.11 10.89
N PRO A 73 -2.28 -22.04 10.89
CA PRO A 73 -1.38 -22.00 9.71
C PRO A 73 -1.72 -23.08 8.71
N ASP A 74 -2.11 -24.25 9.24
CA ASP A 74 -2.30 -25.45 8.44
C ASP A 74 -3.66 -25.45 7.80
N SER A 75 -4.53 -24.52 8.22
CA SER A 75 -5.86 -24.51 7.65
C SER A 75 -6.50 -23.17 7.57
N PHE A 76 -5.78 -22.16 7.15
CA PHE A 76 -6.38 -20.83 7.02
C PHE A 76 -7.03 -20.52 5.68
N LEU A 77 -6.74 -21.35 4.68
CA LEU A 77 -7.31 -21.15 3.35
C LEU A 77 -8.10 -22.34 2.77
N LEU A 78 -9.12 -22.02 1.98
CA LEU A 78 -9.82 -23.00 1.13
C LEU A 78 -9.19 -22.94 -0.28
N HIS A 79 -9.08 -24.08 -0.95
CA HIS A 79 -8.60 -24.10 -2.35
C HIS A 79 -7.28 -23.32 -2.56
N ALA A 80 -6.33 -23.55 -1.66
CA ALA A 80 -5.14 -22.75 -1.57
C ALA A 80 -4.41 -22.80 -2.89
N ASP A 81 -4.32 -24.01 -3.49
CA ASP A 81 -3.58 -24.17 -4.74
C ASP A 81 -4.39 -23.91 -5.99
N ASP A 82 -5.48 -23.19 -5.86
CA ASP A 82 -6.31 -22.82 -7.01
C ASP A 82 -6.61 -21.30 -7.09
N PRO A 83 -5.75 -20.53 -7.79
CA PRO A 83 -5.92 -19.05 -7.87
C PRO A 83 -7.30 -18.50 -8.27
N ALA A 84 -8.12 -19.32 -8.94
CA ALA A 84 -9.52 -18.97 -9.25
C ALA A 84 -10.47 -19.22 -8.09
N ARG A 85 -10.08 -20.09 -7.17
CA ARG A 85 -10.94 -20.53 -6.03
C ARG A 85 -10.38 -20.25 -4.59
N ILE A 86 -9.12 -19.79 -4.50
CA ILE A 86 -8.49 -19.50 -3.19
C ILE A 86 -9.43 -18.55 -2.37
N ALA A 87 -9.80 -19.02 -1.17
CA ALA A 87 -10.58 -18.18 -0.24
C ALA A 87 -10.09 -18.33 1.17
N LEU A 88 -10.46 -17.37 2.01
CA LEU A 88 -10.22 -17.48 3.44
C LEU A 88 -11.15 -18.55 4.10
N HIS A 89 -10.58 -19.31 5.02
CA HIS A 89 -11.39 -20.16 5.85
C HIS A 89 -12.04 -19.32 6.97
N ARG A 90 -13.34 -19.15 6.87
CA ARG A 90 -14.07 -18.31 7.77
C ARG A 90 -14.44 -19.15 8.95
N SER A 91 -13.42 -19.45 9.75
CA SER A 91 -13.52 -20.27 10.92
C SER A 91 -14.60 -19.82 11.97
N GLY A 92 -15.02 -18.55 11.94
CA GLY A 92 -16.00 -18.02 12.90
C GLY A 92 -15.36 -17.87 14.28
N ARG A 93 -14.05 -18.08 14.35
CA ARG A 93 -13.33 -17.82 15.60
C ARG A 93 -13.02 -16.32 15.76
N GLY A 94 -13.85 -15.58 16.49
CA GLY A 94 -13.80 -14.11 16.46
C GLY A 94 -12.69 -13.52 17.29
N VAL A 95 -12.36 -12.25 17.05
CA VAL A 95 -11.32 -11.52 17.77
C VAL A 95 -11.90 -10.30 18.48
N ALA A 96 -11.43 -10.02 19.69
CA ALA A 96 -11.74 -8.79 20.38
C ALA A 96 -10.45 -8.08 20.66
N LEU A 97 -10.52 -6.76 20.64
CA LEU A 97 -9.38 -5.92 20.94
C LEU A 97 -9.67 -5.16 22.20
N LEU A 98 -8.69 -5.13 23.08
CA LEU A 98 -8.80 -4.39 24.33
C LEU A 98 -7.97 -3.11 24.25
N PRO A 99 -8.63 -1.99 23.90
CA PRO A 99 -8.00 -0.70 23.67
C PRO A 99 -7.35 -0.38 24.99
N GLY A 100 -6.10 0.07 24.96
CA GLY A 100 -5.47 0.52 26.19
C GLY A 100 -4.80 -0.62 26.93
N ALA A 101 -5.11 -1.88 26.57
CA ALA A 101 -4.48 -3.04 27.20
C ALA A 101 -3.02 -3.07 26.80
N GLN A 102 -2.21 -3.64 27.68
CA GLN A 102 -0.81 -3.73 27.41
C GLN A 102 -0.34 -5.16 27.18
N GLN A 103 -1.20 -6.16 27.40
CA GLN A 103 -0.89 -7.57 27.06
C GLN A 103 -2.16 -8.29 26.71
N GLN A 104 -2.04 -9.37 25.96
CA GLN A 104 -3.24 -10.08 25.45
C GLN A 104 -4.24 -9.07 24.91
N GLN A 105 -3.71 -8.11 24.16
CA GLN A 105 -4.60 -7.05 23.56
C GLN A 105 -5.60 -7.58 22.58
N LEU A 106 -5.21 -8.67 21.88
CA LEU A 106 -6.09 -9.35 20.95
C LEU A 106 -6.59 -10.63 21.60
N ARG A 107 -7.90 -10.72 21.74
CA ARG A 107 -8.52 -11.81 22.51
C ARG A 107 -9.59 -12.53 21.75
N PRO A 108 -9.69 -13.86 21.91
CA PRO A 108 -10.76 -14.60 21.28
C PRO A 108 -12.14 -14.31 21.86
N ILE A 109 -13.09 -13.91 21.02
CA ILE A 109 -14.50 -13.93 21.41
C ILE A 109 -14.73 -15.42 21.58
N GLN A 110 -15.27 -15.83 22.73
CA GLN A 110 -15.31 -17.26 23.16
C GLN A 110 -14.09 -17.53 24.03
N GLN A 113 -11.27 -19.30 23.55
CA GLN A 113 -10.68 -19.14 24.89
C GLN A 113 -9.30 -18.43 24.97
N ALA A 114 -8.27 -18.95 24.29
CA ALA A 114 -6.94 -18.28 24.34
C ALA A 114 -6.25 -18.13 22.98
N LEU A 115 -5.67 -16.93 22.78
CA LEU A 115 -4.88 -16.58 21.57
C LEU A 115 -3.47 -16.27 22.03
N ALA A 116 -2.47 -16.75 21.31
CA ALA A 116 -1.08 -16.45 21.68
C ALA A 116 -0.92 -14.93 21.80
N GLN A 117 -0.16 -14.46 22.78
CA GLN A 117 0.33 -13.08 22.81
C GLN A 117 0.95 -12.73 21.43
N ILE A 118 0.48 -11.65 20.83
CA ILE A 118 1.14 -11.12 19.65
C ILE A 118 2.14 -10.04 20.07
N ASP A 119 3.34 -10.14 19.50
CA ASP A 119 4.39 -9.18 19.79
C ASP A 119 4.56 -8.05 18.73
N VAL A 120 4.30 -8.40 17.49
CA VAL A 120 4.31 -7.45 16.36
C VAL A 120 3.25 -7.90 15.36
N VAL A 121 2.54 -6.92 14.76
CA VAL A 121 1.55 -7.21 13.72
C VAL A 121 2.15 -6.87 12.36
N PHE A 122 1.95 -7.74 11.40
CA PHE A 122 2.32 -7.48 10.02
C PHE A 122 0.93 -7.41 9.30
N PRO A 123 0.41 -6.20 9.10
CA PRO A 123 -0.92 -6.03 8.47
C PRO A 123 -0.81 -5.95 6.95
N ILE A 124 -1.54 -6.78 6.21
CA ILE A 124 -1.52 -6.68 4.76
C ILE A 124 -2.99 -6.70 4.26
N VAL A 125 -3.81 -5.84 4.85
CA VAL A 125 -5.24 -5.76 4.56
C VAL A 125 -5.42 -4.65 3.57
N HIS A 126 -5.79 -5.08 2.38
CA HIS A 126 -6.10 -4.18 1.33
C HIS A 126 -7.54 -3.72 1.51
N GLY A 127 -7.80 -2.56 1.04
CA GLY A 127 -9.12 -2.03 1.15
C GLY A 127 -8.95 -0.75 1.93
N THR A 128 -10.02 0.03 1.93
CA THR A 128 -10.05 1.31 2.59
C THR A 128 -9.52 1.21 4.00
N LEU A 129 -10.12 0.41 4.85
CA LEU A 129 -9.74 0.47 6.30
C LEU A 129 -8.33 -0.03 6.53
N GLY A 130 -7.89 -0.99 5.73
CA GLY A 130 -6.63 -1.67 6.08
C GLY A 130 -5.45 -0.79 5.67
N GLU A 131 -5.72 0.16 4.77
CA GLU A 131 -4.66 0.92 4.12
C GLU A 131 -4.63 2.40 4.42
N ASP A 132 -5.74 2.94 4.90
CA ASP A 132 -5.90 4.38 5.00
C ASP A 132 -5.58 4.89 6.45
N GLY A 133 -5.01 4.01 7.33
CA GLY A 133 -4.62 4.49 8.65
C GLY A 133 -5.58 4.06 9.70
N SER A 134 -6.78 3.56 9.29
CA SER A 134 -7.77 3.14 10.29
C SER A 134 -7.25 1.92 11.04
N LEU A 135 -6.75 0.90 10.33
CA LEU A 135 -6.27 -0.31 11.00
C LEU A 135 -5.06 0.03 11.88
N GLN A 136 -4.21 0.91 11.37
CA GLN A 136 -2.99 1.37 12.07
C GLN A 136 -3.37 2.06 13.39
N GLY A 137 -4.45 2.87 13.34
CA GLY A 137 -4.98 3.49 14.55
C GLY A 137 -5.46 2.48 15.56
N LEU A 138 -6.20 1.49 15.08
CA LEU A 138 -6.64 0.42 15.97
C LEU A 138 -5.41 -0.26 16.62
N LEU A 139 -4.36 -0.59 15.85
CA LEU A 139 -3.16 -1.24 16.38
C LEU A 139 -2.44 -0.38 17.40
N ARG A 140 -2.30 0.90 17.08
CA ARG A 140 -1.83 1.91 18.08
C ARG A 140 -2.62 1.94 19.36
N MET A 141 -3.95 1.92 19.24
CA MET A 141 -4.85 1.90 20.44
C MET A 141 -4.60 0.67 21.32
N ALA A 142 -4.17 -0.42 20.68
CA ALA A 142 -3.96 -1.68 21.39
C ALA A 142 -2.48 -1.84 21.79
N ASN A 143 -1.68 -0.80 21.58
CA ASN A 143 -0.27 -0.78 21.94
C ASN A 143 0.51 -1.94 21.21
N LEU A 144 0.11 -2.27 19.99
CA LEU A 144 0.80 -3.29 19.21
C LEU A 144 1.76 -2.68 18.20
N PRO A 145 3.03 -3.11 18.23
CA PRO A 145 3.95 -2.77 17.17
C PRO A 145 3.42 -3.34 15.86
N PHE A 146 3.65 -2.63 14.75
CA PHE A 146 3.19 -3.13 13.47
C PHE A 146 4.06 -2.66 12.35
N VAL A 147 4.03 -3.45 11.28
CA VAL A 147 4.87 -3.23 10.14
C VAL A 147 4.22 -2.15 9.28
N GLY A 148 5.01 -1.25 8.68
CA GLY A 148 4.42 -0.37 7.62
C GLY A 148 4.21 1.05 8.14
N SER A 149 3.65 1.90 7.31
CA SER A 149 3.47 3.31 7.69
C SER A 149 2.49 3.48 8.87
N GLY A 150 2.71 4.49 9.69
CA GLY A 150 1.77 4.75 10.77
C GLY A 150 0.47 5.35 10.29
N VAL A 151 -0.28 5.93 11.20
CA VAL A 151 -1.59 6.52 10.89
C VAL A 151 -1.48 7.63 9.82
N LEU A 152 -0.69 8.67 10.09
CA LEU A 152 -0.49 9.81 9.19
C LEU A 152 0.03 9.39 7.86
N GLY A 153 1.11 8.60 7.81
CA GLY A 153 1.66 8.30 6.50
C GLY A 153 0.71 7.50 5.64
N SER A 154 0.01 6.57 6.26
CA SER A 154 -1.01 5.74 5.57
C SER A 154 -2.17 6.57 5.04
N ALA A 155 -2.71 7.43 5.90
CA ALA A 155 -3.84 8.29 5.59
C ALA A 155 -3.49 9.26 4.45
N VAL A 156 -2.32 9.93 4.53
CA VAL A 156 -1.89 10.87 3.50
C VAL A 156 -1.67 10.17 2.15
N ALA A 157 -0.93 9.09 2.18
CA ALA A 157 -0.64 8.32 0.97
C ALA A 157 -1.93 7.86 0.28
N MET A 158 -2.90 7.44 1.09
CA MET A 158 -4.14 6.89 0.54
C MET A 158 -5.04 8.00 -0.06
N ASP A 159 -5.00 9.22 0.44
CA ASP A 159 -5.78 10.28 -0.15
C ASP A 159 -4.90 10.93 -1.22
N LYS A 160 -5.13 10.54 -2.49
CA LYS A 160 -4.26 10.92 -3.60
C LYS A 160 -4.21 12.42 -3.82
N ASP A 161 -5.30 13.09 -3.49
CA ASP A 161 -5.35 14.54 -3.46
C ASP A 161 -4.38 15.10 -2.45
N MET A 162 -4.52 14.68 -1.20
CA MET A 162 -3.67 15.22 -0.12
C MET A 162 -2.19 14.87 -0.42
N ALA A 163 -1.98 13.64 -0.84
CA ALA A 163 -0.65 13.15 -1.23
C ALA A 163 0.05 14.00 -2.32
N LYS A 164 -0.61 14.27 -3.44
CA LYS A 164 -0.09 15.18 -4.47
C LYS A 164 0.22 16.60 -3.98
N ARG A 165 -0.67 17.13 -3.12
CA ARG A 165 -0.46 18.43 -2.50
C ARG A 165 0.76 18.50 -1.62
N VAL A 166 0.99 17.45 -0.83
CA VAL A 166 2.18 17.38 0.00
C VAL A 166 3.48 17.22 -0.81
N LEU A 167 3.44 16.36 -1.83
CA LEU A 167 4.58 16.15 -2.77
C LEU A 167 4.88 17.45 -3.53
N ARG A 168 3.82 18.17 -3.91
CA ARG A 168 3.95 19.41 -4.69
C ARG A 168 4.67 20.44 -3.84
N ASP A 169 4.25 20.51 -2.57
CA ASP A 169 4.88 21.38 -1.57
C ASP A 169 6.32 21.01 -1.34
N ALA A 170 6.65 19.71 -1.37
CA ALA A 170 8.05 19.27 -1.22
C ALA A 170 8.88 19.52 -2.50
N ARG A 171 8.32 20.22 -3.49
CA ARG A 171 9.05 20.53 -4.74
C ARG A 171 9.35 19.25 -5.55
N LEU A 172 8.44 18.30 -5.48
CA LEU A 172 8.53 17.12 -6.33
C LEU A 172 7.50 17.33 -7.41
N ALA A 173 7.79 16.80 -8.58
CA ALA A 173 6.90 16.97 -9.71
C ALA A 173 5.78 15.96 -9.66
N VAL A 174 4.54 16.44 -9.77
CA VAL A 174 3.36 15.56 -9.90
C VAL A 174 2.60 16.00 -11.16
N ALA A 175 1.77 15.14 -11.73
CA ALA A 175 0.90 15.56 -12.85
C ALA A 175 -0.04 16.64 -12.42
N PRO A 176 -0.16 17.69 -13.25
CA PRO A 176 -1.17 18.68 -13.03
C PRO A 176 -2.58 18.03 -12.76
N PHE A 177 -3.36 18.59 -11.87
CA PHE A 177 -4.63 18.01 -11.45
C PHE A 177 -5.52 19.03 -10.77
N VAL A 178 -6.82 18.75 -10.82
CA VAL A 178 -7.87 19.42 -10.06
C VAL A 178 -8.64 18.38 -9.23
N CYS A 179 -9.15 18.74 -8.06
CA CYS A 179 -9.89 17.80 -7.26
C CYS A 179 -11.29 18.38 -7.02
N PHE A 180 -12.33 17.58 -7.32
CA PHE A 180 -13.73 17.91 -7.01
C PHE A 180 -14.34 17.03 -5.90
N ASP A 181 -15.20 17.62 -5.06
CA ASP A 181 -16.11 16.83 -4.19
C ASP A 181 -17.48 16.84 -4.87
N ARG A 182 -18.52 16.16 -4.33
CA ARG A 182 -19.83 16.30 -5.01
C ARG A 182 -20.44 17.71 -5.02
N HIS A 183 -20.14 18.53 -4.01
CA HIS A 183 -20.67 19.89 -3.92
C HIS A 183 -20.12 20.77 -5.01
N THR A 184 -19.03 20.33 -5.60
CA THR A 184 -18.33 21.14 -6.55
C THR A 184 -18.24 20.50 -7.97
N ALA A 185 -18.51 19.20 -8.02
CA ALA A 185 -18.49 18.35 -9.21
C ALA A 185 -19.60 18.68 -10.18
N ALA A 186 -20.71 19.18 -9.66
CA ALA A 186 -21.83 19.63 -10.48
C ALA A 186 -21.44 20.93 -11.21
N HIS A 187 -20.41 21.63 -10.69
CA HIS A 187 -19.94 22.85 -11.33
C HIS A 187 -18.82 22.65 -12.34
N ALA A 188 -18.43 21.39 -12.56
CA ALA A 188 -17.26 21.09 -13.38
C ALA A 188 -17.48 21.45 -14.87
N ASP A 189 -16.58 22.25 -15.40
CA ASP A 189 -16.62 22.65 -16.80
C ASP A 189 -15.52 21.92 -17.60
N VAL A 190 -15.90 20.98 -18.49
CA VAL A 190 -14.89 20.23 -19.23
C VAL A 190 -13.97 21.18 -19.96
N ASP A 191 -14.55 22.24 -20.58
CA ASP A 191 -13.78 23.11 -21.46
C ASP A 191 -12.61 23.71 -20.72
N THR A 192 -12.87 24.26 -19.52
CA THR A 192 -11.86 24.88 -18.67
C THR A 192 -10.84 23.83 -18.20
N LEU A 193 -11.33 22.63 -17.85
CA LEU A 193 -10.45 21.54 -17.39
C LEU A 193 -9.55 21.11 -18.55
N ILE A 194 -10.13 20.99 -19.74
CA ILE A 194 -9.25 20.63 -20.81
C ILE A 194 -8.30 21.73 -21.28
N ALA A 195 -8.65 23.00 -21.10
CA ALA A 195 -7.68 24.11 -21.31
C ALA A 195 -6.49 24.08 -20.38
N GLN A 196 -6.72 23.60 -19.15
CA GLN A 196 -5.71 23.61 -18.09
C GLN A 196 -4.85 22.34 -18.08
N LEU A 197 -5.49 21.20 -18.36
CA LEU A 197 -4.89 19.87 -18.12
C LEU A 197 -4.68 19.05 -19.38
N GLY A 198 -5.37 19.42 -20.46
CA GLY A 198 -5.25 18.70 -21.72
C GLY A 198 -6.13 17.47 -21.88
N LEU A 199 -5.81 16.64 -22.86
CA LEU A 199 -6.55 15.44 -23.17
C LEU A 199 -5.50 14.41 -23.61
N PRO A 200 -5.60 13.15 -23.14
CA PRO A 200 -6.69 12.61 -22.36
C PRO A 200 -6.62 13.10 -20.90
N LEU A 201 -7.75 13.02 -20.20
CA LEU A 201 -7.77 13.28 -18.74
C LEU A 201 -7.94 11.97 -18.02
N PHE A 202 -7.35 11.90 -16.84
CA PHE A 202 -7.51 10.71 -16.01
C PHE A 202 -8.37 11.09 -14.82
N VAL A 203 -9.48 10.40 -14.71
CA VAL A 203 -10.42 10.68 -13.63
C VAL A 203 -10.42 9.53 -12.62
N LYS A 204 -10.38 9.82 -11.33
CA LYS A 204 -10.29 8.75 -10.35
C LYS A 204 -10.71 9.25 -9.00
N PRO A 205 -11.22 8.36 -8.16
CA PRO A 205 -11.62 8.74 -6.83
C PRO A 205 -10.34 8.98 -6.01
N ALA A 206 -10.37 9.91 -5.08
CA ALA A 206 -9.13 10.29 -4.39
C ALA A 206 -8.62 9.21 -3.41
N ASN A 207 -9.52 8.49 -2.77
CA ASN A 207 -9.21 7.41 -1.81
C ASN A 207 -9.66 6.14 -2.44
N GLN A 208 -8.66 5.29 -2.74
CA GLN A 208 -8.57 4.35 -3.89
C GLN A 208 -8.26 5.06 -5.25
N GLY A 209 -8.56 4.39 -6.37
CA GLY A 209 -8.35 4.95 -7.72
C GLY A 209 -7.12 4.46 -8.49
N SER A 210 -6.75 3.18 -8.26
CA SER A 210 -5.83 2.43 -9.12
C SER A 210 -6.65 1.22 -9.50
N SER A 211 -7.06 1.18 -10.76
CA SER A 211 -8.18 0.31 -11.18
C SER A 211 -9.54 0.93 -10.82
N VAL A 212 -9.98 0.87 -9.56
CA VAL A 212 -11.44 1.05 -9.33
C VAL A 212 -11.90 2.49 -9.47
N GLY A 213 -12.94 2.68 -10.27
CA GLY A 213 -13.56 3.99 -10.50
C GLY A 213 -12.77 4.90 -11.44
N VAL A 214 -11.76 4.33 -12.10
CA VAL A 214 -10.80 5.12 -12.91
C VAL A 214 -11.26 5.19 -14.35
N SER A 215 -11.11 6.35 -15.00
CA SER A 215 -11.39 6.48 -16.44
C SER A 215 -10.34 7.33 -17.12
N GLN A 216 -9.98 6.92 -18.32
CA GLN A 216 -9.19 7.73 -19.22
C GLN A 216 -10.22 8.40 -20.16
N VAL A 217 -10.41 9.71 -20.00
CA VAL A 217 -11.32 10.38 -20.88
C VAL A 217 -10.55 11.00 -22.06
N ARG A 218 -10.93 10.54 -23.27
CA ARG A 218 -10.26 10.89 -24.55
C ARG A 218 -10.92 12.05 -25.32
N THR A 219 -12.18 12.35 -25.00
CA THR A 219 -12.91 13.49 -25.58
C THR A 219 -13.72 14.10 -24.44
N ALA A 220 -14.00 15.41 -24.53
CA ALA A 220 -14.79 16.11 -23.51
C ALA A 220 -16.17 15.50 -23.27
N ASP A 221 -16.75 14.86 -24.29
CA ASP A 221 -18.04 14.18 -24.15
C ASP A 221 -18.04 13.05 -23.12
N ALA A 222 -16.90 12.38 -23.00
CA ALA A 222 -16.81 11.23 -22.10
C ALA A 222 -16.60 11.63 -20.60
N PHE A 223 -16.49 12.92 -20.35
CA PHE A 223 -16.05 13.40 -19.06
C PHE A 223 -17.12 13.20 -18.02
N ALA A 224 -18.33 13.66 -18.36
CA ALA A 224 -19.41 13.68 -17.42
C ALA A 224 -19.61 12.32 -16.81
N ALA A 225 -19.56 11.25 -17.61
CA ALA A 225 -19.70 9.88 -17.12
C ALA A 225 -18.55 9.40 -16.17
N ALA A 226 -17.32 9.72 -16.54
CA ALA A 226 -16.10 9.46 -15.71
C ALA A 226 -16.26 10.13 -14.35
N LEU A 227 -16.63 11.41 -14.34
CA LEU A 227 -16.79 12.14 -13.10
C LEU A 227 -17.85 11.53 -12.15
N ALA A 228 -19.00 11.17 -12.71
CA ALA A 228 -20.07 10.44 -12.04
C ALA A 228 -19.65 9.06 -11.55
N LEU A 229 -18.91 8.30 -12.36
CA LEU A 229 -18.47 6.96 -11.91
C LEU A 229 -17.48 7.06 -10.73
N ALA A 230 -16.58 8.02 -10.83
CA ALA A 230 -15.57 8.21 -9.78
C ALA A 230 -16.22 8.55 -8.40
N LEU A 231 -17.23 9.40 -8.48
CA LEU A 231 -17.95 9.89 -7.32
C LEU A 231 -18.81 8.83 -6.65
N ALA A 232 -18.96 7.63 -7.25
CA ALA A 232 -19.63 6.53 -6.56
C ALA A 232 -18.70 5.82 -5.61
N TYR A 233 -17.40 6.06 -5.76
CA TYR A 233 -16.39 5.38 -4.96
C TYR A 233 -15.79 6.28 -3.90
N ASP A 234 -15.87 7.59 -4.10
CA ASP A 234 -15.38 8.50 -3.09
C ASP A 234 -16.14 9.80 -3.21
N HIS A 235 -16.05 10.57 -2.12
CA HIS A 235 -16.62 11.92 -2.02
C HIS A 235 -15.73 12.98 -2.66
N LYS A 236 -14.55 12.59 -3.05
CA LYS A 236 -13.57 13.46 -3.71
C LYS A 236 -13.01 12.77 -4.95
N VAL A 237 -12.89 13.52 -6.05
CA VAL A 237 -12.45 12.89 -7.28
C VAL A 237 -11.33 13.68 -7.88
N LEU A 238 -10.30 13.03 -8.39
CA LEU A 238 -9.21 13.73 -9.01
C LEU A 238 -9.35 13.77 -10.51
N VAL A 239 -9.01 14.91 -11.13
CA VAL A 239 -8.99 15.01 -12.59
C VAL A 239 -7.57 15.43 -12.88
N GLU A 240 -6.87 14.53 -13.53
CA GLU A 240 -5.44 14.57 -13.71
C GLU A 240 -5.01 14.62 -15.21
N ALA A 241 -4.02 15.44 -15.52
CA ALA A 241 -3.37 15.44 -16.84
C ALA A 241 -2.64 14.13 -17.09
N ALA A 242 -2.53 13.77 -18.35
CA ALA A 242 -1.68 12.68 -18.79
C ALA A 242 -0.17 12.98 -18.66
N VAL A 243 0.61 11.92 -18.44
CA VAL A 243 2.05 12.08 -18.35
C VAL A 243 2.68 11.09 -19.30
N ALA A 244 3.38 11.66 -20.28
CA ALA A 244 4.02 10.86 -21.33
C ALA A 244 5.43 10.52 -20.85
N GLY A 245 5.74 9.23 -20.84
CA GLY A 245 6.99 8.79 -20.23
C GLY A 245 7.00 7.32 -19.85
N ARG A 246 8.19 6.86 -19.53
CA ARG A 246 8.38 5.47 -19.20
C ARG A 246 7.96 5.26 -17.72
N GLU A 247 7.31 4.14 -17.40
CA GLU A 247 6.92 3.85 -16.00
CA GLU A 247 6.88 3.79 -16.05
C GLU A 247 7.97 3.03 -15.31
N ILE A 248 8.56 3.64 -14.28
CA ILE A 248 9.63 3.06 -13.47
C ILE A 248 9.15 2.92 -12.03
N GLU A 249 9.44 1.78 -11.39
CA GLU A 249 9.00 1.48 -9.98
C GLU A 249 10.21 1.20 -9.09
N CYS A 250 10.20 1.74 -7.87
CA CYS A 250 11.36 1.66 -6.95
C CYS A 250 10.83 1.37 -5.54
N ALA A 251 11.47 0.42 -4.90
CA ALA A 251 10.99 -0.05 -3.60
C ALA A 251 11.75 0.71 -2.56
N VAL A 252 11.06 1.20 -1.55
CA VAL A 252 11.77 1.81 -0.40
C VAL A 252 11.56 1.07 0.92
N LEU A 253 12.58 1.02 1.76
CA LEU A 253 12.55 0.29 3.03
C LEU A 253 13.26 1.13 4.11
N GLY A 254 12.71 1.22 5.30
CA GLY A 254 13.30 1.94 6.37
C GLY A 254 12.33 2.90 7.05
N ASN A 255 12.77 3.37 8.21
CA ASN A 255 12.04 4.41 8.95
C ASN A 255 12.67 5.78 8.72
N ALA A 256 13.54 6.22 9.61
CA ALA A 256 14.20 7.55 9.48
C ALA A 256 15.28 7.65 8.42
N VAL A 257 16.00 6.58 8.13
CA VAL A 257 16.90 6.69 7.00
C VAL A 257 16.50 5.60 6.00
N PRO A 258 15.56 5.94 5.10
CA PRO A 258 15.12 4.88 4.19
C PRO A 258 16.18 4.49 3.18
N HIS A 259 16.19 3.24 2.71
CA HIS A 259 17.00 2.88 1.54
C HIS A 259 16.13 2.52 0.36
N ALA A 260 16.64 2.71 -0.84
CA ALA A 260 15.89 2.52 -2.12
C ALA A 260 16.48 1.35 -2.89
N SER A 261 15.64 0.53 -3.52
CA SER A 261 16.07 -0.61 -4.28
C SER A 261 16.53 -0.22 -5.70
N VAL A 262 17.05 -1.20 -6.44
CA VAL A 262 17.21 -1.03 -7.91
C VAL A 262 15.82 -0.76 -8.50
N CYS A 263 15.76 -0.10 -9.65
CA CYS A 263 14.48 0.26 -10.32
C CYS A 263 14.07 -0.77 -11.34
N GLY A 264 12.75 -0.87 -11.57
CA GLY A 264 12.14 -1.84 -12.47
C GLY A 264 11.28 -1.08 -13.48
N GLU A 265 11.19 -1.57 -14.71
CA GLU A 265 10.44 -0.85 -15.73
C GLU A 265 9.19 -1.60 -16.11
N VAL A 266 8.08 -0.89 -16.15
CA VAL A 266 6.80 -1.45 -16.64
C VAL A 266 6.73 -1.29 -18.14
N VAL A 267 6.68 -2.44 -18.79
CA VAL A 267 6.65 -2.53 -20.24
C VAL A 267 5.21 -2.70 -20.75
N VAL A 268 4.49 -1.57 -20.87
CA VAL A 268 3.25 -1.46 -21.68
C VAL A 268 2.80 0.00 -21.69
N GLU A 286 4.01 -6.98 -16.30
CA GLU A 286 5.19 -6.87 -17.20
C GLU A 286 6.30 -5.89 -16.76
N ILE A 287 7.10 -6.34 -15.80
CA ILE A 287 8.14 -5.51 -15.19
C ILE A 287 9.53 -6.02 -15.58
N VAL A 288 10.45 -5.13 -15.91
CA VAL A 288 11.83 -5.58 -16.15
C VAL A 288 12.85 -5.01 -15.15
N ILE A 289 13.45 -5.97 -14.45
CA ILE A 289 14.39 -5.71 -13.37
C ILE A 289 15.78 -6.29 -13.70
N PRO A 290 16.84 -5.49 -13.55
CA PRO A 290 16.74 -4.06 -13.28
C PRO A 290 16.40 -3.31 -14.56
N ALA A 291 15.69 -2.19 -14.43
CA ALA A 291 15.35 -1.31 -15.55
C ALA A 291 16.55 -0.97 -16.39
N ASP A 292 16.29 -0.77 -17.68
CA ASP A 292 17.27 -0.29 -18.66
C ASP A 292 17.40 1.23 -18.71
N ILE A 293 18.10 1.76 -17.73
CA ILE A 293 18.29 3.19 -17.60
C ILE A 293 19.70 3.36 -17.09
N ASP A 294 20.27 4.56 -17.33
CA ASP A 294 21.59 5.01 -16.83
C ASP A 294 21.69 4.81 -15.32
N ALA A 295 22.92 4.82 -14.80
CA ALA A 295 23.13 4.85 -13.36
C ALA A 295 22.79 6.23 -12.81
N GLN A 296 23.07 7.28 -13.60
CA GLN A 296 22.71 8.62 -13.22
C GLN A 296 21.20 8.64 -12.91
N THR A 297 20.43 8.06 -13.84
CA THR A 297 18.99 8.11 -13.90
C THR A 297 18.38 7.22 -12.82
N GLN A 298 18.95 6.05 -12.60
CA GLN A 298 18.48 5.18 -11.52
C GLN A 298 18.70 5.86 -10.18
N GLN A 299 19.90 6.44 -10.00
CA GLN A 299 20.20 7.18 -8.80
C GLN A 299 19.27 8.35 -8.53
N ARG A 300 18.98 9.18 -9.52
CA ARG A 300 18.01 10.25 -9.22
C ARG A 300 16.59 9.77 -9.02
N ILE A 301 16.19 8.68 -9.64
CA ILE A 301 14.86 8.10 -9.33
C ILE A 301 14.82 7.62 -7.86
N GLN A 302 15.84 6.83 -7.48
CA GLN A 302 16.05 6.41 -6.10
C GLN A 302 16.00 7.58 -5.12
N GLN A 303 16.60 8.72 -5.49
CA GLN A 303 16.65 9.90 -4.63
C GLN A 303 15.27 10.53 -4.49
N ILE A 304 14.56 10.59 -5.61
CA ILE A 304 13.18 11.14 -5.60
C ILE A 304 12.20 10.26 -4.81
N ALA A 305 12.35 8.95 -4.94
CA ALA A 305 11.59 7.93 -4.17
C ALA A 305 11.73 8.10 -2.67
N VAL A 306 12.96 8.21 -2.20
CA VAL A 306 13.22 8.53 -0.77
C VAL A 306 12.64 9.89 -0.34
N GLN A 307 12.87 10.97 -1.12
CA GLN A 307 12.30 12.27 -0.80
C GLN A 307 10.76 12.22 -0.72
N ALA A 308 10.12 11.56 -1.68
CA ALA A 308 8.65 11.42 -1.66
C ALA A 308 8.19 10.70 -0.38
N TYR A 309 8.87 9.60 -0.05
CA TYR A 309 8.60 8.75 1.12
C TYR A 309 8.72 9.58 2.37
N GLN A 310 9.80 10.36 2.48
CA GLN A 310 9.92 11.29 3.63
C GLN A 310 8.86 12.34 3.70
N ALA A 311 8.54 12.98 2.57
CA ALA A 311 7.53 14.07 2.58
C ALA A 311 6.15 13.62 3.11
N LEU A 312 5.74 12.43 2.76
CA LEU A 312 4.39 11.91 3.10
C LEU A 312 4.39 11.24 4.48
N GLY A 313 5.59 11.03 5.04
CA GLY A 313 5.71 10.55 6.42
C GLY A 313 5.57 9.03 6.49
N CYS A 314 5.98 8.35 5.40
CA CYS A 314 5.97 6.87 5.32
C CYS A 314 6.93 6.19 6.31
N ALA A 315 6.67 4.93 6.64
CA ALA A 315 7.61 4.14 7.48
C ALA A 315 7.50 2.69 7.03
N GLY A 316 8.54 1.89 7.28
CA GLY A 316 8.56 0.45 6.95
C GLY A 316 8.88 0.22 5.50
N MET A 317 7.85 0.33 4.64
CA MET A 317 7.98 0.06 3.19
C MET A 317 7.13 0.97 2.36
N ALA A 318 7.54 1.21 1.12
CA ALA A 318 6.54 1.72 0.17
C ALA A 318 7.11 1.44 -1.19
N ARG A 319 6.24 1.25 -2.19
CA ARG A 319 6.64 1.30 -3.59
C ARG A 319 6.29 2.69 -4.22
N VAL A 320 7.28 3.28 -4.89
CA VAL A 320 7.14 4.56 -5.54
C VAL A 320 7.17 4.30 -7.04
N ASP A 321 6.11 4.76 -7.68
CA ASP A 321 6.02 4.63 -9.16
C ASP A 321 6.22 6.01 -9.71
N VAL A 322 7.07 6.10 -10.72
CA VAL A 322 7.34 7.37 -11.37
C VAL A 322 7.20 7.22 -12.90
N PHE A 323 7.10 8.36 -13.56
CA PHE A 323 7.26 8.46 -15.01
C PHE A 323 8.59 9.09 -15.23
N LEU A 324 9.35 8.54 -16.14
CA LEU A 324 10.60 9.17 -16.60
C LEU A 324 10.32 9.73 -17.98
N CYS A 325 10.38 11.02 -18.12
CA CYS A 325 9.97 11.64 -19.36
C CYS A 325 11.14 11.69 -20.37
N ALA A 326 10.88 12.18 -21.59
CA ALA A 326 11.83 12.11 -22.72
C ALA A 326 13.37 12.36 -22.54
N ASP A 327 13.92 13.41 -21.89
CA ASP A 327 13.42 14.66 -21.32
C ASP A 327 14.44 15.30 -20.30
N GLY A 328 15.01 14.59 -19.30
CA GLY A 328 14.48 13.38 -18.62
C GLY A 328 13.96 13.75 -17.20
N ARG A 329 12.93 14.59 -17.16
CA ARG A 329 12.26 14.93 -15.92
C ARG A 329 11.57 13.71 -15.33
N ILE A 330 11.53 13.65 -14.01
CA ILE A 330 10.94 12.50 -13.27
C ILE A 330 9.68 12.96 -12.54
N VAL A 331 8.54 12.37 -12.88
CA VAL A 331 7.31 12.75 -12.24
C VAL A 331 6.69 11.63 -11.39
N ILE A 332 6.32 11.98 -10.15
CA ILE A 332 5.76 10.98 -9.22
C ILE A 332 4.35 10.59 -9.64
N ASN A 333 4.14 9.31 -9.87
CA ASN A 333 2.84 8.77 -10.28
C ASN A 333 2.06 8.35 -9.00
N GLU A 334 2.68 7.49 -8.16
CA GLU A 334 2.01 7.02 -6.96
C GLU A 334 3.06 6.66 -5.93
N VAL A 335 2.74 6.90 -4.66
CA VAL A 335 3.44 6.27 -3.54
C VAL A 335 2.52 5.33 -2.79
N ASN A 336 2.84 4.05 -2.81
CA ASN A 336 1.93 2.99 -2.36
C ASN A 336 2.51 2.41 -1.07
N THR A 337 1.76 2.57 0.00
CA THR A 337 2.30 2.20 1.33
C THR A 337 1.90 0.78 1.67
N LEU A 338 1.08 0.14 0.83
CA LEU A 338 0.87 -1.30 0.98
C LEU A 338 1.20 -2.10 -0.31
N PRO A 339 2.49 -2.37 -0.57
CA PRO A 339 2.85 -3.17 -1.75
C PRO A 339 2.44 -4.64 -1.60
N GLY A 340 2.40 -5.37 -2.73
CA GLY A 340 2.19 -6.86 -2.66
C GLY A 340 3.37 -7.58 -2.12
N PHE A 341 3.10 -8.72 -1.50
CA PHE A 341 4.14 -9.48 -0.87
C PHE A 341 4.12 -10.88 -1.34
N THR A 342 3.50 -11.11 -2.48
CA THR A 342 3.55 -12.46 -3.01
C THR A 342 4.95 -12.62 -3.58
N ARG A 343 5.32 -13.87 -3.89
CA ARG A 343 6.62 -14.09 -4.56
CA ARG A 343 6.58 -14.15 -4.60
C ARG A 343 6.71 -13.46 -5.94
N ILE A 344 5.58 -13.18 -6.58
CA ILE A 344 5.60 -12.54 -7.91
C ILE A 344 5.39 -11.01 -7.86
N SER A 345 5.26 -10.45 -6.65
CA SER A 345 4.99 -9.05 -6.52
C SER A 345 6.22 -8.25 -6.81
N VAL A 346 6.01 -7.04 -7.33
CA VAL A 346 7.12 -6.13 -7.67
C VAL A 346 8.00 -5.74 -6.47
N TYR A 347 7.40 -5.33 -5.36
CA TYR A 347 8.17 -4.81 -4.27
C TYR A 347 9.24 -5.83 -3.77
N PRO A 348 8.85 -7.06 -3.46
CA PRO A 348 9.89 -8.01 -3.02
C PRO A 348 10.91 -8.40 -4.12
N LYS A 349 10.44 -8.48 -5.36
CA LYS A 349 11.34 -8.71 -6.48
C LYS A 349 12.41 -7.61 -6.68
N LEU A 350 12.04 -6.35 -6.46
CA LEU A 350 12.98 -5.21 -6.52
C LEU A 350 14.07 -5.32 -5.46
N TRP A 351 13.70 -5.72 -4.24
CA TRP A 351 14.67 -6.00 -3.18
C TRP A 351 15.47 -7.22 -3.51
N GLN A 352 14.85 -8.27 -4.02
CA GLN A 352 15.61 -9.51 -4.37
C GLN A 352 16.76 -9.15 -5.36
N ALA A 353 16.43 -8.31 -6.34
CA ALA A 353 17.39 -7.80 -7.34
C ALA A 353 18.40 -6.79 -6.78
N SER A 354 18.15 -6.33 -5.57
CA SER A 354 19.10 -5.49 -4.89
C SER A 354 19.90 -6.30 -3.87
N GLY A 355 19.68 -7.60 -3.81
CA GLY A 355 20.45 -8.45 -2.89
C GLY A 355 19.85 -8.67 -1.52
N LEU A 356 18.59 -8.24 -1.36
CA LEU A 356 17.82 -8.59 -0.18
C LEU A 356 16.73 -9.62 -0.48
N ASP A 357 16.97 -10.80 0.05
CA ASP A 357 16.15 -11.96 -0.08
C ASP A 357 14.76 -11.74 0.64
N TYR A 358 13.73 -12.44 0.21
CA TYR A 358 12.40 -12.36 0.82
C TYR A 358 12.39 -12.54 2.35
N ARG A 359 13.11 -13.57 2.84
CA ARG A 359 13.07 -13.90 4.23
C ARG A 359 13.61 -12.71 4.95
N GLY A 360 14.75 -12.21 4.44
CA GLY A 360 15.52 -11.04 4.93
C GLY A 360 14.69 -9.77 4.96
N LEU A 361 13.98 -9.54 3.87
CA LEU A 361 13.08 -8.40 3.77
C LEU A 361 11.99 -8.45 4.89
N ILE A 362 11.24 -9.54 4.98
CA ILE A 362 10.26 -9.73 6.11
C ILE A 362 10.90 -9.50 7.48
N THR A 363 12.08 -10.07 7.71
CA THR A 363 12.71 -9.88 9.01
C THR A 363 12.97 -8.42 9.22
N ARG A 364 13.51 -7.71 8.21
CA ARG A 364 13.85 -6.29 8.38
C ARG A 364 12.59 -5.46 8.64
N LEU A 365 11.51 -5.77 7.93
CA LEU A 365 10.24 -5.02 8.15
C LEU A 365 9.79 -5.16 9.62
N ILE A 366 9.87 -6.38 10.15
CA ILE A 366 9.53 -6.62 11.57
C ILE A 366 10.51 -5.90 12.53
N GLU A 367 11.80 -5.96 12.25
CA GLU A 367 12.72 -5.13 13.05
C GLU A 367 12.38 -3.66 13.05
N LEU A 368 11.99 -3.12 11.89
CA LEU A 368 11.68 -1.70 11.82
C LEU A 368 10.46 -1.36 12.65
N ALA A 369 9.51 -2.31 12.69
CA ALA A 369 8.26 -2.11 13.40
C ALA A 369 8.53 -2.05 14.92
N LEU A 370 9.41 -2.94 15.37
CA LEU A 370 9.85 -2.93 16.76
C LEU A 370 10.66 -1.70 17.13
N GLU A 371 11.59 -1.28 16.26
CA GLU A 371 12.36 -0.06 16.50
C GLU A 371 11.49 1.15 16.68
N ARG A 372 10.51 1.34 15.78
CA ARG A 372 9.61 2.50 15.90
C ARG A 372 8.84 2.41 17.19
N HIS A 373 8.37 1.21 17.51
CA HIS A 373 7.51 1.05 18.62
C HIS A 373 8.29 1.48 19.87
N THR A 374 9.51 0.97 20.01
CA THR A 374 10.29 1.27 21.21
C THR A 374 10.57 2.78 21.34
N ASP A 375 10.92 3.42 20.22
CA ASP A 375 11.14 4.88 20.16
C ASP A 375 9.90 5.67 20.56
N ASP A 376 8.73 5.28 20.04
CA ASP A 376 7.45 5.80 20.51
C ASP A 376 7.33 5.73 22.04
N GLN A 377 7.79 4.63 22.62
CA GLN A 377 7.63 4.34 24.03
C GLN A 377 8.44 5.27 24.93
N LEU A 378 9.52 5.82 24.41
CA LEU A 378 10.15 6.86 25.18
C LEU A 378 9.45 8.25 25.01
N LEU A 379 8.77 8.52 23.90
CA LEU A 379 8.00 9.80 23.80
C LEU A 379 6.64 9.66 24.46
#